data_9E5S
#
_entry.id   9E5S
#
_cell.length_a   42.308
_cell.length_b   77.881
_cell.length_c   74.728
_cell.angle_alpha   90.00
_cell.angle_beta   90.94
_cell.angle_gamma   90.00
#
_symmetry.space_group_name_H-M   'P 1 21 1'
#
loop_
_entity.id
_entity.type
_entity.pdbx_description
1 polymer 'RNA (76-MER)'
2 non-polymer ethynyl-4-(4-phenyl-2,3,4-triazole)-propanamine-cobalamin
3 non-polymer N-methylpropane-1,3-diamine
4 non-polymer 2-AMINO-2-HYDROXYMETHYL-PROPANE-1,3-DIOL
5 non-polymer 'MAGNESIUM ION'
6 non-polymer 'POTASSIUM ION'
7 water water
#
_entity_poly.entity_id   1
_entity_poly.type   'polyribonucleotide'
_entity_poly.pdbx_seq_one_letter_code
;(GTP)GUAAAAGCAUAGUGGGAAAGUGACGUGAAAUUCGUCCACACGAAAGUAAGGUCAUAGUCCGAAUGCCACCUACCA
;
_entity_poly.pdbx_strand_id   A,B
#
loop_
_chem_comp.id
_chem_comp.type
_chem_comp.name
_chem_comp.formula
A RNA linking ADENOSINE-5'-MONOPHOSPHATE 'C10 H14 N5 O7 P'
A1BE0 non-polymer ethynyl-4-(4-phenyl-2,3,4-triazole)-propanamine-cobalamin 'C75 H102 Co N17 O14 P 2'
C RNA linking CYTIDINE-5'-MONOPHOSPHATE 'C9 H14 N3 O8 P'
G RNA linking GUANOSINE-5'-MONOPHOSPHATE 'C10 H14 N5 O8 P'
GTP non-polymer GUANOSINE-5'-TRIPHOSPHATE 'C10 H16 N5 O14 P3'
K non-polymer 'POTASSIUM ION' 'K 1'
MG non-polymer 'MAGNESIUM ION' 'Mg 2'
N3D non-polymer N-methylpropane-1,3-diamine 'C4 H12 N2'
TRS non-polymer 2-AMINO-2-HYDROXYMETHYL-PROPANE-1,3-DIOL 'C4 H12 N O3 1'
U RNA linking URIDINE-5'-MONOPHOSPHATE 'C9 H13 N2 O9 P'
#
# COMPACT_ATOMS: atom_id res chain seq x y z
PG GTP A 1 25.77 -4.84 -4.15
O1G GTP A 1 25.73 -6.05 -5.00
O2G GTP A 1 24.60 -4.49 -3.33
O3G GTP A 1 27.07 -4.94 -3.22
O3B GTP A 1 26.09 -3.59 -5.12
PB GTP A 1 26.66 -2.25 -4.47
O1B GTP A 1 26.00 -1.11 -5.12
O2B GTP A 1 28.14 -2.36 -4.46
O3A GTP A 1 26.11 -2.36 -2.98
PA GTP A 1 27.01 -1.85 -1.77
O1A GTP A 1 27.01 -0.37 -1.81
O2A GTP A 1 28.28 -2.60 -1.77
O5' GTP A 1 26.16 -2.34 -0.50
C5' GTP A 1 24.88 -1.76 -0.19
C4' GTP A 1 24.76 -1.38 1.27
O4' GTP A 1 25.86 -1.93 2.05
C3' GTP A 1 24.80 0.12 1.45
O3' GTP A 1 23.49 0.72 1.47
C2' GTP A 1 25.56 0.32 2.75
O2' GTP A 1 24.70 0.35 3.90
C1' GTP A 1 26.48 -0.87 2.80
N9 GTP A 1 27.75 -0.49 2.16
C8 GTP A 1 28.37 -1.09 1.11
N7 GTP A 1 29.47 -0.57 0.69
C5 GTP A 1 29.62 0.50 1.57
C6 GTP A 1 30.66 1.47 1.63
O6 GTP A 1 31.65 1.56 0.92
N1 GTP A 1 30.44 2.38 2.65
C2 GTP A 1 29.37 2.38 3.50
N2 GTP A 1 29.36 3.35 4.41
N3 GTP A 1 28.39 1.48 3.47
C4 GTP A 1 28.57 0.56 2.47
PG GTP B 1 -25.03 1.60 -0.22
O1G GTP B 1 -24.23 0.67 -1.04
O2G GTP B 1 -24.98 3.06 -0.46
O3G GTP B 1 -26.56 1.11 -0.30
O3B GTP B 1 -24.68 1.32 1.31
PB GTP B 1 -24.00 2.45 2.22
O1B GTP B 1 -23.04 3.18 1.38
O2B GTP B 1 -23.55 1.81 3.47
O3A GTP B 1 -25.19 3.46 2.57
PA GTP B 1 -26.68 2.95 2.78
O1A GTP B 1 -26.73 1.47 2.77
O2A GTP B 1 -27.53 3.73 1.85
O5' GTP B 1 -27.01 3.46 4.27
C5' GTP B 1 -26.69 4.80 4.70
C4' GTP B 1 -27.81 5.38 5.54
O4' GTP B 1 -29.00 5.53 4.73
C3' GTP B 1 -28.19 4.44 6.68
O3' GTP B 1 -27.47 4.71 7.91
C2' GTP B 1 -29.69 4.60 6.81
O2' GTP B 1 -30.05 5.58 7.80
C1' GTP B 1 -30.16 5.04 5.44
N9 GTP B 1 -30.80 3.91 4.76
C8 GTP B 1 -30.36 3.19 3.69
N7 GTP B 1 -31.10 2.23 3.26
C5 GTP B 1 -32.17 2.27 4.16
C6 GTP B 1 -33.33 1.45 4.24
O6 GTP B 1 -33.64 0.50 3.52
N1 GTP B 1 -34.15 1.83 5.29
C2 GTP B 1 -33.91 2.86 6.16
N2 GTP B 1 -34.82 3.06 7.11
N3 GTP B 1 -32.82 3.63 6.10
C4 GTP B 1 -32.00 3.30 5.08
C4 A1BE0 C . 9.71 -6.70 -13.79
C3 A1BE0 C . 9.01 -7.98 -14.21
C2 A1BE0 C . 7.51 -7.56 -14.08
C1 A1BE0 C . 7.53 -6.53 -12.91
NB1 A1BE0 C . 8.76 -5.75 -7.73
CB2 A1BE0 C . 8.59 -5.08 -8.90
NB3 A1BE0 C . 9.33 -5.58 -9.88
C01 A1BE0 C . 13.34 0.00 -18.24
C02 A1BE0 C . 15.22 2.77 -19.80
C03 A1BE0 C . 14.34 3.45 -20.87
C04 A1BE0 C . 14.59 4.97 -20.92
C05 A1BE0 C . 13.80 1.43 -18.11
C10 A1BE0 C . 11.72 -2.86 -10.79
C11 A1BE0 C . 10.47 -2.32 -10.54
C12 A1BE0 C . 10.29 -0.89 -10.10
C13 A1BE0 C . 8.78 -0.90 -9.70
C14 A1BE0 C . 8.24 -2.04 -10.58
C15 A1BE0 C . 6.92 -2.20 -10.94
C16 A1BE0 C . 6.49 -3.33 -11.73
C17 A1BE0 C . 5.05 -3.71 -12.18
C18 A1BE0 C . 5.25 -5.21 -12.52
C19 A1BE0 C . 6.68 -5.24 -13.07
C1L A1BE0 C . 9.78 -3.37 -13.52
C20 A1BE0 C . 7.20 -7.16 -11.55
C25 A1BE0 C . 6.53 -8.70 -13.80
C26 A1BE0 C . 7.16 -6.78 -15.39
C27 A1BE0 C . 7.71 -7.41 -16.65
C2L A1BE0 C . 10.39 -2.74 -14.37
C30 A1BE0 C . 9.51 -9.22 -13.43
C31 A1BE0 C . 9.35 -10.55 -14.20
C32 A1BE0 C . 10.00 -11.72 -13.49
C35 A1BE0 C . 11.76 -6.89 -15.25
C36 A1BE0 C . 14.39 -6.06 -13.43
C37 A1BE0 C . 13.41 -3.91 -14.19
C38 A1BE0 C . 14.77 -3.25 -14.20
C3L A1BE0 C . 11.16 -2.00 -15.34
C41 A1BE0 C . 13.76 -5.56 -10.62
C42 A1BE0 C . 13.41 -5.33 -9.16
C43 A1BE0 C . 14.03 -6.42 -8.31
C46 A1BE0 C . 10.50 -0.03 -11.37
C47 A1BE0 C . 11.34 -0.40 -9.09
C48 A1BE0 C . 8.44 -1.25 -8.23
C49 A1BE0 C . 8.55 -0.08 -7.24
C4L A1BE0 C . 11.35 -2.55 -16.63
C5 A1BE0 C . 11.15 -6.47 -13.91
C50 A1BE0 C . 8.18 1.21 -7.94
C53 A1BE0 C . 5.98 -1.03 -10.66
C54 A1BE0 C . 4.76 -2.86 -13.44
C55 A1BE0 C . 3.89 -3.59 -11.16
C56 A1BE0 C . 4.33 -4.02 -9.78
C57 A1BE0 C . 3.51 -3.38 -8.67
C5L A1BE0 C . 12.08 -1.89 -17.61
C6 A1BE0 C . 11.80 -5.53 -13.12
C60 A1BE0 C . 4.19 -5.84 -13.44
C61 A1BE0 C . 3.55 -7.10 -12.89
C6L A1BE0 C . 12.61 -0.64 -17.29
C7 A1BE0 C . 13.28 -5.07 -13.15
C7L A1BE0 C . 12.47 -0.08 -16.05
C8 A1BE0 C . 13.41 -4.52 -11.70
C8L A1BE0 C . 11.74 -0.74 -15.06
C9 A1BE0 C . 12.00 -4.04 -11.44
CB4 A1BE0 C . 10.95 -7.54 -9.87
CB5 A1BE0 C . 11.51 -8.52 -9.04
CB6 A1BE0 C . 11.13 -8.63 -7.69
CB7 A1BE0 C . 10.20 -7.73 -7.13
CB8 A1BE0 C . 9.68 -6.75 -7.97
CB9 A1BE0 C . 10.03 -6.64 -9.31
CR1 A1BE0 C . 8.09 -5.47 -6.47
CR2 A1BE0 C . 6.78 -6.28 -6.42
CR3 A1BE0 C . 5.84 -5.37 -5.65
CR4 A1BE0 C . 6.36 -3.96 -5.92
CR5 A1BE0 C . 6.48 -3.07 -4.72
N01 A1BE0 C . 13.81 -0.65 -19.46
N02 A1BE0 C . 14.58 0.32 -20.20
N03 A1BE0 C . 14.55 1.52 -19.37
N04 A1BE0 C . 13.39 5.66 -21.39
N21 A1BE0 C . 8.94 -6.02 -12.98
N22 A1BE0 C . 11.12 -4.82 -12.10
N23 A1BE0 C . 9.31 -2.86 -10.96
N24 A1BE0 C . 7.35 -4.14 -12.32
N29 A1BE0 C . 7.46 -8.69 -16.80
N34 A1BE0 C . 9.15 -12.65 -13.03
N40 A1BE0 C . 15.49 -3.42 -15.31
N45 A1BE0 C . 14.12 -6.19 -7.02
N52 A1BE0 C . 6.98 1.68 -7.67
N59 A1BE0 C . 2.38 -3.99 -8.32
N63 A1BE0 C . 2.75 -7.75 -13.76
O28 A1BE0 C . 8.53 -6.80 -17.39
O33 A1BE0 C . 11.19 -11.76 -13.27
O39 A1BE0 C . 15.12 -2.45 -13.30
O44 A1BE0 C . 14.73 -7.31 -8.83
O51 A1BE0 C . 9.07 1.91 -8.42
O58 A1BE0 C . 3.90 -2.32 -8.14
O62 A1BE0 C . 3.88 -7.60 -11.79
OP2 A1BE0 C . 4.52 -5.44 -6.17
OP3 A1BE0 C . 2.06 -5.34 -5.90
OP4 A1BE0 C . 3.59 -5.50 -3.88
OP5 A1BE0 C . 3.14 -7.48 -5.45
OR6 A1BE0 C . 7.70 -4.12 -6.47
OR7 A1BE0 C . 6.25 -6.42 -7.72
OR8 A1BE0 C . 6.25 -1.70 -5.06
P1 A1BE0 C . 3.33 -6.02 -5.24
CB10 A1BE0 C . 12.51 -9.50 -9.61
CB11 A1BE0 C . 11.74 -9.70 -6.82
CO1 A1BE0 C . 9.23 -4.44 -12.06
CPR1 A1BE0 C . 1.51 -3.47 -7.29
CPR2 A1BE0 C . 1.82 -3.92 -5.86
CPR3 A1BE0 C . 0.62 -3.71 -4.98
N1 N3D D . -14.22 -4.02 -22.01
C2 N3D D . -13.47 -5.01 -21.26
C3 N3D D . -13.59 -4.73 -19.77
C4 N3D D . -12.54 -5.53 -19.01
N5 N3D D . -12.47 -5.06 -17.64
C6 N3D D . -11.55 -5.87 -16.88
C TRS E . 8.42 -11.51 -7.94
C1 TRS E . 9.37 -12.66 -7.61
C2 TRS E . 8.27 -10.64 -6.69
C3 TRS E . 8.66 -10.82 -9.24
N TRS E . 7.26 -12.07 -8.09
O1 TRS E . 9.47 -13.52 -8.71
O2 TRS E . 7.28 -11.14 -5.80
O3 TRS E . 7.59 -9.98 -9.63
MG MG F . 29.30 -1.57 -6.91
MG MG G . 23.25 7.70 -4.94
MG MG H . 23.76 4.80 -11.88
MG MG I . -9.68 -7.14 -22.79
MG MG J . -13.43 -0.37 -28.25
MG MG K . -5.52 7.51 -13.72
MG MG L . -6.21 -3.25 -11.55
MG MG M . 22.16 15.51 -6.38
MG MG N . -2.06 2.71 -15.22
K K O . 8.63 3.92 -10.42
C4 A1BE0 P . -6.17 3.89 7.98
C3 A1BE0 P . -4.89 4.55 7.47
C2 A1BE0 P . -4.11 4.74 8.80
C1 A1BE0 P . -5.26 4.86 9.87
NB1 A1BE0 P . -9.85 7.58 11.21
CB2 A1BE0 P . -9.14 6.45 11.47
NB3 A1BE0 P . -8.80 5.82 10.35
C01 A1BE0 P . -7.63 -4.97 10.28
C02 A1BE0 P . -8.86 -8.43 9.67
C03 A1BE0 P . -8.47 -9.70 10.46
C04 A1BE0 P . -9.72 -10.28 11.16
C05 A1BE0 P . -8.74 -5.83 9.74
C10 A1BE0 P . -10.80 2.78 10.29
C11 A1BE0 P . -10.27 2.88 11.56
C12 A1BE0 P . -10.97 2.35 12.79
C13 A1BE0 P . -10.18 3.09 13.91
C14 A1BE0 P . -8.83 3.33 13.21
C15 A1BE0 P . -7.62 3.52 13.86
C16 A1BE0 P . -6.46 3.98 13.12
C17 A1BE0 P . -5.08 4.45 13.66
C18 A1BE0 P . -4.53 5.14 12.39
C19 A1BE0 P . -5.06 4.26 11.27
C1L A1BE0 P . -7.65 1.76 10.37
C20 A1BE0 P . -5.79 6.30 9.99
C25 A1BE0 P . -3.19 5.97 8.82
C26 A1BE0 P . -3.33 3.41 9.05
C27 A1BE0 P . -2.72 2.81 7.80
C2L A1BE0 P . -7.67 0.56 10.35
C30 A1BE0 P . -5.12 5.81 6.60
C31 A1BE0 P . -4.46 5.80 5.20
C32 A1BE0 P . -4.24 7.18 4.61
C35 A1BE0 P . -6.87 3.31 5.65
C36 A1BE0 P . -9.78 2.11 5.47
C37 A1BE0 P . -9.24 0.52 7.31
C38 A1BE0 P . -10.25 -0.46 6.74
C3L A1BE0 P . -7.69 -0.86 10.32
C41 A1BE0 P . -11.43 3.86 7.25
C42 A1BE0 P . -12.23 4.74 8.21
C43 A1BE0 P . -12.97 5.86 7.52
C46 A1BE0 P . -10.64 0.84 12.86
C47 A1BE0 P . -12.50 2.45 12.76
C48 A1BE0 P . -10.74 4.48 14.34
C49 A1BE0 P . -11.88 4.44 15.37
C4L A1BE0 P . -6.46 -1.56 10.36
C5 A1BE0 P . -7.13 3.17 7.14
C50 A1BE0 P . -11.58 3.38 16.40
C53 A1BE0 P . -7.68 3.62 15.37
C54 A1BE0 P . -4.30 3.14 13.98
C55 A1BE0 P . -4.99 5.43 14.85
C56 A1BE0 P . -5.83 6.69 14.62
C57 A1BE0 P . -6.22 7.34 15.95
C5L A1BE0 P . -6.42 -2.94 10.32
C6 A1BE0 P . -8.39 2.84 7.64
C60 A1BE0 P . -2.99 5.34 12.36
C61 A1BE0 P . -2.54 6.77 12.22
C6L A1BE0 P . -7.63 -3.62 10.28
C7 A1BE0 P . -9.53 2.01 6.97
C7L A1BE0 P . -8.84 -2.98 10.24
C8 A1BE0 P . -10.75 2.57 7.76
C8L A1BE0 P . -8.89 -1.60 10.27
C9 A1BE0 P . -10.13 2.89 9.09
CB4 A1BE0 P . -9.29 6.40 7.91
CB5 A1BE0 P . -9.93 7.35 7.10
CB6 A1BE0 P . -10.60 8.46 7.66
CB7 A1BE0 P . -10.64 8.63 9.05
CB8 A1BE0 P . -9.99 7.68 9.84
CB9 A1BE0 P . -9.33 6.58 9.30
CR1 A1BE0 P . -10.38 8.49 12.21
CR2 A1BE0 P . -9.35 9.57 12.60
CR3 A1BE0 P . -9.60 9.76 14.08
CR4 A1BE0 P . -10.22 8.46 14.56
CR5 A1BE0 P . -11.39 8.58 15.47
N01 A1BE0 P . -6.50 -5.75 10.80
N02 A1BE0 P . -6.84 -7.15 10.63
N03 A1BE0 P . -8.16 -7.17 10.05
N04 A1BE0 P . -9.37 -11.25 12.20
N21 A1BE0 P . -6.27 3.94 9.28
N22 A1BE0 P . -8.83 3.26 8.91
N23 A1BE0 P . -9.04 3.38 11.82
N24 A1BE0 P . -6.40 3.87 11.80
N29 A1BE0 P . -1.91 3.59 7.12
N34 A1BE0 P . -5.13 8.11 4.97
N40 A1BE0 P . -9.91 -1.11 5.63
N45 A1BE0 P . -13.10 5.81 6.20
N52 A1BE0 P . -10.40 3.44 16.97
N59 A1BE0 P . -5.68 8.49 16.26
N63 A1BE0 P . -1.34 6.92 11.69
O28 A1BE0 P . -3.21 1.77 7.28
O33 A1BE0 P . -3.43 7.38 3.71
O39 A1BE0 P . -11.41 -0.56 7.24
O44 A1BE0 P . -13.50 6.81 8.15
O51 A1BE0 P . -12.31 2.38 16.47
O58 A1BE0 P . -7.02 6.76 16.70
O62 A1BE0 P . -3.34 7.73 12.36
OP2 A1BE0 P . -8.37 9.89 14.79
OP3 A1BE0 P . -6.80 11.04 16.27
OP4 A1BE0 P . -9.02 12.13 15.65
OP5 A1BE0 P . -7.06 11.94 14.01
OR6 A1BE0 P . -10.64 7.74 13.37
OR7 A1BE0 P . -8.04 9.06 12.45
OR8 A1BE0 P . -11.02 8.40 16.84
P1 A1BE0 P . -7.85 11.38 15.14
CB10 A1BE0 P . -9.91 7.18 5.60
CB11 A1BE0 P . -11.28 9.46 6.75
CO1 A1BE0 P . -7.72 3.65 10.44
CPR1 A1BE0 P . -6.00 9.18 17.51
CPR2 A1BE0 P . -7.13 10.20 17.41
CPR3 A1BE0 P . -7.12 11.11 18.62
C TRS Q . -6.77 11.39 8.13
C1 TRS Q . -6.76 11.85 6.68
C2 TRS Q . -8.22 11.18 8.55
C3 TRS Q . -5.80 10.29 8.48
N TRS Q . -6.36 12.41 8.81
O1 TRS Q . -6.91 10.76 5.80
O2 TRS Q . -8.99 12.38 8.44
O3 TRS Q . -6.06 9.12 7.73
MG MG R . -25.03 -1.23 2.80
MG MG S . 8.64 -8.36 32.43
MG MG T . -25.84 -3.89 12.20
MG MG U . -28.07 -7.69 18.07
MG MG V . -20.17 -7.16 7.01
MG MG W . 11.82 3.18 17.81
MG MG X . 16.52 -2.79 23.50
MG MG Y . -1.21 -0.15 28.39
MG MG Z . -0.78 1.82 22.63
MG MG AA . 0.95 5.85 22.82
K K BA . -11.38 -0.35 17.16
#